data_3H3K
#
_entry.id   3H3K
#
_cell.length_a   85.090
_cell.length_b   129.300
_cell.length_c   49.130
_cell.angle_alpha   90.00
_cell.angle_beta   90.00
_cell.angle_gamma   90.00
#
_symmetry.space_group_name_H-M   'P 21 21 2'
#
loop_
_entity.id
_entity.type
_entity.pdbx_description
1 polymer Cellulase
2 branched beta-D-glucopyranose-(1-4)-beta-D-glucopyranose-(1-4)-beta-D-glucopyranose-(1-4)-alpha-D-glucopyranose
3 non-polymer beta-D-glucopyranose
4 non-polymer 'CALCIUM ION'
5 non-polymer 'ZINC ION'
6 non-polymer (4S)-2-METHYL-2,4-PENTANEDIOL
7 water water
#
_entity_poly.entity_id   1
_entity_poly.type   'polypeptide(L)'
_entity_poly.pdbx_seq_one_letter_code
;MPSRVPKSIFYNQVGYLISGDKRFWIQAHEPQPFALRTPEGQAVFAGMTKPVGGNWYVGDFTALRVPGTYTLTVGTLEAR
VVIHRRAYRDVLEAMLRFFDYQLCGVVLPEDEAGPWAHGACHTSDAKVFGTERALACPGGWHDAGDYGKYTVPAAKAVAD
LLLAHEYFPAALAHVRPMRSVHRAPHLPPALEVAREEIAWLLTMQDPATGGVYHKVTTPSFPPLDTRPEDDDAPLVLSPI
SYAATATFCAAMAHAALVYRPFDPALSSCCADAARRAYAWLGAHEMQPFHNPDGILTGEYGDAELRDELLWASCALLRMT
GDSAWARVCEPLLDLDLPWELGWADVALYGVMDYLRTPRAAVSDDVRNKVKSRLLRELDALAAMAESHPFGIPMRDDDFI
WGSNMVLLNRAMAFLLAEGVGVLHPAAHTVAQRAADYLFGANPLGQCYVTGFGQRPVRHPHHRPSVADDVDHPVPGMVVG
GPNRHLQDEIARAQLAGRPAMEAYIDHQDSYSTNEVAVYWNSPAVFVIAALLEARGR
;
_entity_poly.pdbx_strand_id   A
#
loop_
_chem_comp.id
_chem_comp.type
_chem_comp.name
_chem_comp.formula
BGC D-saccharide, beta linking beta-D-glucopyranose 'C6 H12 O6'
CA non-polymer 'CALCIUM ION' 'Ca 2'
GLC D-saccharide, alpha linking alpha-D-glucopyranose 'C6 H12 O6'
MPD non-polymer (4S)-2-METHYL-2,4-PENTANEDIOL 'C6 H14 O2'
ZN non-polymer 'ZINC ION' 'Zn 2'
#
# COMPACT_ATOMS: atom_id res chain seq x y z
N LYS A 7 8.78 22.96 -21.12
CA LYS A 7 9.59 21.71 -20.99
C LYS A 7 10.31 21.64 -19.65
N SER A 8 10.41 20.43 -19.09
CA SER A 8 11.19 20.22 -17.87
C SER A 8 11.81 18.82 -17.83
N ILE A 9 12.66 18.64 -16.83
CA ILE A 9 13.28 17.37 -16.54
C ILE A 9 12.36 16.59 -15.60
N PHE A 10 12.17 15.31 -15.87
CA PHE A 10 11.38 14.43 -15.02
C PHE A 10 12.33 13.47 -14.32
N TYR A 11 12.23 13.41 -12.99
CA TYR A 11 13.21 12.70 -12.20
C TYR A 11 12.63 12.29 -10.85
N ASN A 12 13.42 11.53 -10.09
CA ASN A 12 13.06 11.20 -8.73
C ASN A 12 13.28 12.42 -7.85
N GLN A 13 12.18 13.08 -7.49
CA GLN A 13 12.23 14.33 -6.74
C GLN A 13 12.55 14.16 -5.26
N VAL A 14 12.54 12.93 -4.76
CA VAL A 14 12.95 12.69 -3.38
C VAL A 14 14.46 12.46 -3.34
N GLY A 15 14.95 11.62 -4.26
CA GLY A 15 16.39 11.41 -4.35
C GLY A 15 16.79 10.10 -4.94
N TYR A 16 18.10 9.85 -4.89
CA TYR A 16 18.69 8.63 -5.41
C TYR A 16 19.67 8.07 -4.40
N LEU A 17 19.82 6.75 -4.43
CA LEU A 17 20.72 6.06 -3.52
C LEU A 17 22.12 6.06 -4.11
N ILE A 18 23.12 6.24 -3.24
CA ILE A 18 24.53 6.15 -3.64
C ILE A 18 24.80 4.92 -4.50
N SER A 19 24.29 3.78 -4.06
CA SER A 19 24.56 2.49 -4.71
C SER A 19 23.43 2.05 -5.63
N GLY A 20 22.45 2.94 -5.86
CA GLY A 20 21.29 2.60 -6.67
C GLY A 20 21.37 3.13 -8.09
N ASP A 21 20.41 2.70 -8.91
CA ASP A 21 20.25 3.21 -10.26
C ASP A 21 19.76 4.65 -10.22
N LYS A 22 20.26 5.44 -11.16
CA LYS A 22 19.98 6.86 -11.25
C LYS A 22 19.62 7.21 -12.69
N ARG A 23 18.38 7.64 -12.90
CA ARG A 23 17.87 7.94 -14.22
C ARG A 23 17.01 9.20 -14.18
N PHE A 24 17.06 9.97 -15.26
CA PHE A 24 16.12 11.07 -15.48
C PHE A 24 15.54 10.96 -16.90
N TRP A 25 14.42 11.64 -17.11
CA TRP A 25 13.69 11.60 -18.37
C TRP A 25 13.47 13.00 -18.91
N ILE A 26 13.47 13.10 -20.24
CA ILE A 26 13.11 14.32 -20.94
C ILE A 26 12.34 13.98 -22.22
N GLN A 27 11.43 14.86 -22.62
CA GLN A 27 10.82 14.74 -23.93
C GLN A 27 11.72 15.40 -24.96
N ALA A 28 12.15 14.62 -25.96
CA ALA A 28 13.09 15.08 -26.97
C ALA A 28 12.90 14.26 -28.25
N HIS A 29 13.57 14.66 -29.33
CA HIS A 29 13.53 13.85 -30.56
C HIS A 29 14.93 13.44 -31.04
N GLU A 30 15.95 13.63 -30.20
CA GLU A 30 17.30 13.16 -30.48
C GLU A 30 18.15 13.15 -29.20
N PRO A 31 19.26 12.40 -29.19
CA PRO A 31 20.20 12.43 -28.07
C PRO A 31 20.75 13.82 -27.79
N GLN A 32 20.91 14.15 -26.52
CA GLN A 32 21.50 15.41 -26.08
C GLN A 32 22.53 15.11 -24.99
N PRO A 33 23.60 15.91 -24.93
CA PRO A 33 24.50 15.77 -23.80
C PRO A 33 23.87 16.30 -22.51
N PHE A 34 24.35 15.82 -21.38
CA PHE A 34 23.90 16.33 -20.08
C PHE A 34 25.05 16.27 -19.09
N ALA A 35 24.96 17.08 -18.03
CA ALA A 35 25.99 17.14 -17.01
C ALA A 35 25.36 17.21 -15.63
N LEU A 36 26.02 16.58 -14.66
CA LEU A 36 25.68 16.77 -13.26
C LEU A 36 26.79 17.58 -12.61
N ARG A 37 26.39 18.61 -11.89
CA ARG A 37 27.33 19.60 -11.38
C ARG A 37 27.11 19.83 -9.90
N THR A 38 28.21 20.05 -9.19
CA THR A 38 28.16 20.53 -7.82
C THR A 38 27.40 21.86 -7.81
N PRO A 39 26.87 22.28 -6.65
CA PRO A 39 26.13 23.55 -6.62
C PRO A 39 26.97 24.81 -6.91
N GLU A 40 28.28 24.76 -6.69
CA GLU A 40 29.16 25.84 -7.16
C GLU A 40 29.21 25.86 -8.70
N GLY A 41 29.18 24.67 -9.31
CA GLY A 41 28.91 24.54 -10.74
C GLY A 41 29.77 23.59 -11.55
N GLN A 42 30.83 23.04 -10.94
CA GLN A 42 31.77 22.18 -11.67
C GLN A 42 31.15 20.82 -12.00
N ALA A 43 31.30 20.39 -13.25
CA ALA A 43 30.69 19.16 -13.72
C ALA A 43 31.41 17.96 -13.11
N VAL A 44 30.65 17.11 -12.42
CA VAL A 44 31.18 15.90 -11.79
C VAL A 44 30.92 14.65 -12.65
N PHE A 45 29.99 14.76 -13.59
CA PHE A 45 29.60 13.62 -14.43
C PHE A 45 28.97 14.15 -15.72
N ALA A 46 29.21 13.45 -16.82
CA ALA A 46 28.64 13.85 -18.10
C ALA A 46 28.34 12.62 -18.95
N GLY A 47 27.26 12.69 -19.73
CA GLY A 47 26.89 11.61 -20.62
C GLY A 47 25.89 12.05 -21.68
N MET A 48 25.36 11.08 -22.42
CA MET A 48 24.42 11.33 -23.52
C MET A 48 23.09 10.63 -23.24
N THR A 49 22.00 11.31 -23.55
CA THR A 49 20.67 10.72 -23.42
C THR A 49 20.42 9.70 -24.53
N LYS A 50 19.43 8.84 -24.32
CA LYS A 50 19.14 7.77 -25.25
C LYS A 50 17.64 7.52 -25.30
N PRO A 51 17.12 7.10 -26.47
CA PRO A 51 15.67 6.95 -26.66
C PRO A 51 15.07 5.74 -25.94
N VAL A 52 13.86 5.89 -25.40
CA VAL A 52 13.15 4.78 -24.76
C VAL A 52 11.68 4.63 -25.18
N GLY A 53 11.23 5.42 -26.16
CA GLY A 53 9.89 5.24 -26.71
C GLY A 53 8.87 6.25 -26.22
N GLY A 54 7.68 6.19 -26.81
CA GLY A 54 6.79 7.35 -26.80
C GLY A 54 7.62 8.44 -27.47
N ASN A 55 7.72 9.60 -26.81
CA ASN A 55 8.71 10.61 -27.21
C ASN A 55 9.62 10.98 -26.03
N TRP A 56 10.22 9.95 -25.45
CA TRP A 56 11.04 10.10 -24.25
C TRP A 56 12.47 9.69 -24.48
N TYR A 57 13.37 10.45 -23.88
CA TYR A 57 14.78 10.08 -23.78
C TYR A 57 15.10 9.92 -22.30
N VAL A 58 16.14 9.15 -22.00
CA VAL A 58 16.59 8.97 -20.64
C VAL A 58 18.08 9.24 -20.54
N GLY A 59 18.48 9.73 -19.36
CA GLY A 59 19.89 9.93 -19.03
C GLY A 59 20.20 9.13 -17.78
N ASP A 60 21.23 8.29 -17.88
CA ASP A 60 21.64 7.41 -16.80
C ASP A 60 22.89 7.97 -16.16
N PHE A 61 22.83 8.30 -14.86
CA PHE A 61 24.02 8.75 -14.13
C PHE A 61 24.31 7.89 -12.90
N THR A 62 24.04 6.58 -13.02
CA THR A 62 24.22 5.61 -11.94
C THR A 62 25.64 5.64 -11.33
N ALA A 63 26.65 5.76 -12.20
CA ALA A 63 28.07 5.72 -11.79
C ALA A 63 28.54 6.92 -10.96
N LEU A 64 27.71 7.94 -10.80
CA LEU A 64 27.98 8.99 -9.82
C LEU A 64 27.65 8.46 -8.43
N ARG A 65 28.65 8.29 -7.58
CA ARG A 65 28.48 7.65 -6.27
C ARG A 65 28.74 8.59 -5.08
N VAL A 66 29.07 9.86 -5.33
CA VAL A 66 29.38 10.76 -4.23
C VAL A 66 28.12 11.46 -3.77
N PRO A 67 27.80 11.38 -2.46
CA PRO A 67 26.56 11.98 -1.99
C PRO A 67 26.60 13.50 -2.08
N GLY A 68 25.42 14.11 -2.28
CA GLY A 68 25.28 15.56 -2.32
C GLY A 68 24.11 16.01 -3.14
N THR A 69 23.83 17.31 -3.09
CA THR A 69 22.81 17.92 -3.93
C THR A 69 23.48 18.45 -5.20
N TYR A 70 23.07 17.93 -6.35
CA TYR A 70 23.67 18.27 -7.65
C TYR A 70 22.70 19.00 -8.57
N THR A 71 23.25 19.77 -9.51
CA THR A 71 22.45 20.42 -10.53
C THR A 71 22.60 19.64 -11.83
N LEU A 72 21.50 19.00 -12.23
CA LEU A 72 21.43 18.30 -13.49
C LEU A 72 21.06 19.33 -14.56
N THR A 73 21.87 19.41 -15.61
CA THR A 73 21.58 20.29 -16.73
C THR A 73 21.57 19.49 -18.02
N VAL A 74 20.55 19.73 -18.83
CA VAL A 74 20.38 19.10 -20.13
C VAL A 74 19.71 20.16 -21.02
N GLY A 75 20.19 20.32 -22.24
CA GLY A 75 19.69 21.40 -23.10
C GLY A 75 19.79 22.72 -22.36
N THR A 76 18.68 23.43 -22.25
CA THR A 76 18.65 24.66 -21.43
C THR A 76 17.88 24.46 -20.11
N LEU A 77 17.62 23.21 -19.75
CA LEU A 77 16.90 22.90 -18.51
C LEU A 77 17.88 22.57 -17.39
N GLU A 78 17.44 22.84 -16.16
CA GLU A 78 18.17 22.46 -14.95
C GLU A 78 17.24 21.84 -13.91
N ALA A 79 17.73 20.81 -13.22
CA ALA A 79 16.99 20.19 -12.13
C ALA A 79 17.93 19.97 -10.96
N ARG A 80 17.37 19.94 -9.76
CA ARG A 80 18.14 19.68 -8.55
C ARG A 80 17.90 18.26 -8.06
N VAL A 81 18.96 17.46 -8.05
CA VAL A 81 18.86 16.06 -7.71
C VAL A 81 19.74 15.78 -6.51
N VAL A 82 19.22 14.98 -5.57
CA VAL A 82 19.99 14.60 -4.39
C VAL A 82 20.40 13.13 -4.49
N ILE A 83 21.65 12.88 -4.12
CA ILE A 83 22.18 11.53 -3.97
C ILE A 83 22.58 11.36 -2.51
N HIS A 84 22.14 10.27 -1.90
CA HIS A 84 22.33 10.06 -0.47
C HIS A 84 22.31 8.58 -0.09
N ARG A 85 23.12 8.25 0.91
CA ARG A 85 23.24 6.91 1.50
C ARG A 85 21.90 6.23 1.75
N ARG A 86 20.98 6.95 2.38
CA ARG A 86 19.62 6.47 2.62
C ARG A 86 18.62 7.54 2.23
N ALA A 87 18.54 7.80 0.92
CA ALA A 87 17.72 8.89 0.36
C ALA A 87 16.24 8.84 0.73
N TYR A 88 15.71 7.63 0.95
CA TYR A 88 14.27 7.47 1.18
C TYR A 88 13.88 7.28 2.65
N ARG A 89 14.79 7.58 3.57
CA ARG A 89 14.53 7.37 5.00
C ARG A 89 13.42 8.26 5.53
N ASP A 90 13.50 9.55 5.21
CA ASP A 90 12.45 10.51 5.61
C ASP A 90 11.08 10.14 5.06
N VAL A 91 11.02 9.81 3.76
CA VAL A 91 9.72 9.51 3.13
C VAL A 91 9.11 8.21 3.63
N LEU A 92 9.94 7.19 3.87
CA LEU A 92 9.48 5.95 4.49
C LEU A 92 8.90 6.19 5.90
N GLU A 93 9.60 6.99 6.68
CA GLU A 93 9.12 7.35 8.02
C GLU A 93 7.77 8.07 7.94
N ALA A 94 7.64 9.02 7.03
CA ALA A 94 6.39 9.73 6.80
C ALA A 94 5.28 8.78 6.36
N MET A 95 5.61 7.83 5.50
CA MET A 95 4.64 6.86 4.99
C MET A 95 4.14 5.92 6.08
N LEU A 96 5.03 5.57 7.01
CA LEU A 96 4.65 4.76 8.15
C LEU A 96 3.88 5.59 9.19
N ARG A 97 4.27 6.85 9.39
CA ARG A 97 3.55 7.74 10.32
C ARG A 97 2.11 8.06 9.88
N PHE A 98 1.83 8.00 8.59
CA PHE A 98 0.47 8.14 8.07
C PHE A 98 -0.52 7.24 8.81
N PHE A 99 -0.11 6.00 9.06
CA PHE A 99 -0.99 5.05 9.75
C PHE A 99 -1.41 5.57 11.13
N ASP A 100 -0.45 6.10 11.90
CA ASP A 100 -0.75 6.72 13.19
C ASP A 100 -1.61 7.99 13.06
N TYR A 101 -1.34 8.82 12.05
CA TYR A 101 -2.23 9.94 11.70
C TYR A 101 -3.67 9.50 11.44
N GLN A 102 -3.87 8.26 10.98
CA GLN A 102 -5.21 7.73 10.70
C GLN A 102 -5.87 7.10 11.92
N LEU A 103 -5.18 7.03 13.05
CA LEU A 103 -5.73 6.34 14.23
C LEU A 103 -7.10 6.92 14.62
N CYS A 104 -8.01 6.01 14.95
CA CYS A 104 -9.35 6.35 15.39
C CYS A 104 -9.50 6.01 16.88
N GLY A 105 -10.15 6.91 17.63
CA GLY A 105 -10.47 6.66 19.04
C GLY A 105 -9.30 6.84 20.01
N VAL A 106 -8.29 7.59 19.58
CA VAL A 106 -7.11 7.84 20.41
C VAL A 106 -6.67 9.30 20.27
N VAL A 107 -6.21 9.88 21.37
CA VAL A 107 -5.66 11.23 21.34
C VAL A 107 -4.37 11.23 20.54
N LEU A 108 -4.29 12.09 19.52
CA LEU A 108 -3.03 12.37 18.84
C LEU A 108 -2.53 13.70 19.37
N PRO A 109 -1.44 13.67 20.15
CA PRO A 109 -0.95 14.90 20.77
C PRO A 109 -0.17 15.75 19.77
N GLU A 110 -0.11 17.05 20.04
CA GLU A 110 0.58 18.00 19.16
C GLU A 110 2.06 17.74 19.03
N ASP A 111 2.71 17.24 20.08
CA ASP A 111 4.15 16.99 20.02
C ASP A 111 4.49 15.84 19.07
N GLU A 112 3.51 14.98 18.79
CA GLU A 112 3.64 13.93 17.77
C GLU A 112 3.00 14.31 16.45
N ALA A 113 1.81 14.91 16.50
CA ALA A 113 0.96 15.09 15.31
C ALA A 113 0.89 16.52 14.78
N GLY A 114 1.65 17.44 15.39
CA GLY A 114 1.66 18.83 14.97
C GLY A 114 0.28 19.44 14.74
N PRO A 115 0.09 20.13 13.61
CA PRO A 115 -1.19 20.78 13.27
C PRO A 115 -2.42 19.86 13.25
N TRP A 116 -2.19 18.56 13.06
CA TRP A 116 -3.30 17.61 12.87
C TRP A 116 -3.66 16.89 14.15
N ALA A 117 -3.05 17.30 15.27
CA ALA A 117 -3.37 16.73 16.58
C ALA A 117 -4.86 16.83 16.85
N HIS A 118 -5.42 15.83 17.54
CA HIS A 118 -6.84 15.86 17.90
C HIS A 118 -7.17 14.91 19.03
N GLY A 119 -8.34 15.12 19.65
CA GLY A 119 -8.82 14.25 20.71
C GLY A 119 -9.44 13.00 20.11
N ALA A 120 -9.66 11.98 20.95
CA ALA A 120 -10.20 10.71 20.51
C ALA A 120 -11.54 10.89 19.78
N CYS A 121 -11.64 10.31 18.58
CA CYS A 121 -12.83 10.41 17.73
C CYS A 121 -13.58 9.08 17.68
N HIS A 122 -14.85 9.16 17.28
CA HIS A 122 -15.72 7.99 17.09
C HIS A 122 -15.72 7.04 18.30
N THR A 123 -15.86 7.61 19.48
CA THR A 123 -15.76 6.87 20.74
C THR A 123 -17.04 6.10 21.12
N SER A 124 -18.15 6.40 20.45
CA SER A 124 -19.43 5.73 20.72
C SER A 124 -19.49 4.27 20.25
N ASP A 125 -20.36 3.49 20.88
CA ASP A 125 -20.62 2.10 20.46
C ASP A 125 -21.38 2.08 19.14
N ALA A 126 -21.05 1.11 18.28
CA ALA A 126 -21.71 0.97 17.00
C ALA A 126 -22.89 0.03 17.16
N LYS A 127 -23.95 0.24 16.39
CA LYS A 127 -25.11 -0.65 16.41
C LYS A 127 -25.01 -1.68 15.30
N VAL A 128 -25.24 -2.94 15.64
CA VAL A 128 -25.27 -4.03 14.65
C VAL A 128 -26.47 -3.84 13.73
N PHE A 129 -26.25 -3.95 12.42
CA PHE A 129 -27.28 -3.63 11.44
C PHE A 129 -28.50 -4.54 11.55
N GLY A 130 -29.67 -3.93 11.57
CA GLY A 130 -30.94 -4.66 11.71
C GLY A 130 -31.19 -5.22 13.10
N THR A 131 -30.52 -4.66 14.10
CA THR A 131 -30.74 -5.05 15.50
C THR A 131 -30.68 -3.83 16.41
N GLU A 132 -31.06 -4.02 17.68
CA GLU A 132 -30.96 -2.97 18.68
C GLU A 132 -29.64 -3.11 19.44
N ARG A 133 -28.92 -4.20 19.21
CA ARG A 133 -27.65 -4.47 19.89
C ARG A 133 -26.63 -3.40 19.57
N ALA A 134 -25.83 -3.05 20.57
CA ALA A 134 -24.71 -2.15 20.41
C ALA A 134 -23.44 -2.95 20.64
N LEU A 135 -22.33 -2.44 20.11
CA LEU A 135 -21.06 -3.14 20.20
C LEU A 135 -19.95 -2.11 20.16
N ALA A 136 -18.96 -2.25 21.04
CA ALA A 136 -17.79 -1.40 21.03
C ALA A 136 -16.73 -2.03 20.16
N CYS A 137 -16.27 -1.28 19.16
CA CYS A 137 -15.10 -1.64 18.37
C CYS A 137 -14.29 -0.39 18.09
N PRO A 138 -13.62 0.14 19.14
CA PRO A 138 -12.79 1.33 19.01
C PRO A 138 -11.41 0.99 18.46
N GLY A 139 -10.66 2.01 18.06
CA GLY A 139 -9.29 1.83 17.62
C GLY A 139 -9.20 1.65 16.11
N GLY A 140 -8.04 1.21 15.67
CA GLY A 140 -7.80 0.98 14.24
C GLY A 140 -7.59 2.26 13.46
N TRP A 141 -7.72 2.14 12.14
CA TRP A 141 -7.39 3.24 11.23
C TRP A 141 -8.61 3.69 10.47
N HIS A 142 -8.73 4.99 10.31
CA HIS A 142 -9.60 5.53 9.28
C HIS A 142 -9.01 5.04 7.96
N ASP A 143 -9.86 4.42 7.15
CA ASP A 143 -9.44 3.70 5.96
C ASP A 143 -8.76 4.58 4.91
N ALA A 144 -9.28 5.80 4.72
CA ALA A 144 -8.92 6.59 3.55
C ALA A 144 -9.17 8.07 3.82
N GLY A 145 -9.76 8.78 2.84
CA GLY A 145 -10.14 10.18 3.02
C GLY A 145 -11.32 10.33 3.95
N ASP A 146 -12.04 9.22 4.18
CA ASP A 146 -13.21 9.17 5.07
C ASP A 146 -12.85 8.60 6.45
N TYR A 147 -13.84 8.38 7.31
CA TYR A 147 -13.58 7.89 8.67
C TYR A 147 -14.05 6.47 8.93
N GLY A 148 -14.56 5.80 7.91
CA GLY A 148 -14.98 4.40 8.03
C GLY A 148 -13.81 3.47 8.24
N LYS A 149 -14.08 2.34 8.87
CA LYS A 149 -13.08 1.30 9.08
C LYS A 149 -13.64 0.02 8.47
N TYR A 150 -12.92 -0.50 7.48
CA TYR A 150 -13.40 -1.61 6.67
C TYR A 150 -12.47 -2.81 6.79
N THR A 151 -13.02 -3.95 7.16
CA THR A 151 -12.23 -5.14 7.45
C THR A 151 -11.37 -5.61 6.27
N VAL A 152 -11.95 -5.66 5.08
CA VAL A 152 -11.27 -6.27 3.93
C VAL A 152 -9.98 -5.54 3.54
N PRO A 153 -10.03 -4.21 3.29
CA PRO A 153 -8.79 -3.50 3.01
C PRO A 153 -7.82 -3.39 4.21
N ALA A 154 -8.34 -3.43 5.42
CA ALA A 154 -7.53 -3.43 6.65
C ALA A 154 -6.58 -4.63 6.70
N ALA A 155 -7.07 -5.79 6.24
CA ALA A 155 -6.27 -7.01 6.18
C ALA A 155 -5.09 -6.87 5.22
N LYS A 156 -5.31 -6.31 4.04
CA LYS A 156 -4.18 -6.03 3.13
C LYS A 156 -3.13 -5.11 3.77
N ALA A 157 -3.57 -4.02 4.39
CA ALA A 157 -2.66 -3.08 5.02
C ALA A 157 -1.84 -3.73 6.13
N VAL A 158 -2.48 -4.54 6.96
CA VAL A 158 -1.81 -5.29 8.01
C VAL A 158 -0.82 -6.30 7.40
N ALA A 159 -1.28 -7.07 6.43
CA ALA A 159 -0.43 -8.08 5.77
C ALA A 159 0.85 -7.43 5.22
N ASP A 160 0.69 -6.30 4.53
CA ASP A 160 1.80 -5.63 3.88
C ASP A 160 2.84 -5.12 4.88
N LEU A 161 2.38 -4.56 5.99
CA LEU A 161 3.28 -4.07 7.04
C LEU A 161 4.01 -5.22 7.72
N LEU A 162 3.29 -6.30 7.99
CA LEU A 162 3.91 -7.50 8.55
C LEU A 162 4.95 -8.06 7.61
N LEU A 163 4.63 -8.14 6.31
CA LEU A 163 5.61 -8.60 5.34
C LEU A 163 6.84 -7.70 5.27
N ALA A 164 6.64 -6.40 5.41
CA ALA A 164 7.75 -5.44 5.35
C ALA A 164 8.68 -5.62 6.56
N HIS A 165 8.10 -5.95 7.71
CA HIS A 165 8.88 -6.27 8.89
C HIS A 165 9.68 -7.57 8.72
N GLU A 166 9.03 -8.61 8.18
CA GLU A 166 9.70 -9.89 7.94
C GLU A 166 10.84 -9.74 6.95
N TYR A 167 10.59 -9.01 5.86
CA TYR A 167 11.57 -8.88 4.78
C TYR A 167 12.66 -7.86 5.04
N PHE A 168 12.30 -6.71 5.62
CA PHE A 168 13.22 -5.56 5.68
C PHE A 168 13.29 -4.89 7.05
N PRO A 169 13.55 -5.67 8.10
CA PRO A 169 13.53 -5.13 9.46
C PRO A 169 14.64 -4.10 9.71
N ALA A 170 15.80 -4.31 9.11
CA ALA A 170 16.94 -3.37 9.24
C ALA A 170 16.58 -1.96 8.76
N ALA A 171 15.94 -1.88 7.58
CA ALA A 171 15.57 -0.59 6.99
C ALA A 171 14.53 0.09 7.87
N LEU A 172 13.55 -0.68 8.31
CA LEU A 172 12.47 -0.19 9.16
C LEU A 172 12.95 0.24 10.55
N ALA A 173 14.06 -0.34 11.02
CA ALA A 173 14.63 0.05 12.30
C ALA A 173 15.07 1.52 12.31
N HIS A 174 15.38 2.08 11.14
CA HIS A 174 15.80 3.49 11.04
C HIS A 174 14.64 4.51 11.02
N VAL A 175 13.39 4.08 11.19
CA VAL A 175 12.27 5.04 11.25
C VAL A 175 11.52 5.01 12.59
N ARG A 176 10.89 6.13 12.91
CA ARG A 176 10.18 6.33 14.16
C ARG A 176 8.72 6.66 13.86
N PRO A 177 7.78 5.81 14.33
CA PRO A 177 6.36 6.15 14.23
C PRO A 177 5.98 7.19 15.29
N MET A 178 4.69 7.41 15.54
CA MET A 178 4.26 8.25 16.67
C MET A 178 4.41 7.45 17.95
N ARG A 179 5.65 7.30 18.39
CA ARG A 179 6.03 6.30 19.39
C ARG A 179 5.25 6.48 20.68
N SER A 180 5.02 7.74 21.07
CA SER A 180 4.41 8.06 22.36
C SER A 180 2.90 7.79 22.44
N VAL A 181 2.24 7.54 21.31
CA VAL A 181 0.85 7.11 21.35
C VAL A 181 0.72 5.58 21.47
N HIS A 182 1.84 4.85 21.38
CA HIS A 182 1.83 3.39 21.48
C HIS A 182 2.37 2.90 22.82
N ARG A 183 2.01 1.66 23.15
CA ARG A 183 2.34 1.06 24.42
C ARG A 183 3.82 0.69 24.53
N ALA A 184 4.35 0.80 25.75
CA ALA A 184 5.70 0.32 26.07
C ALA A 184 5.60 -1.09 26.66
N PRO A 185 6.64 -1.93 26.47
CA PRO A 185 7.86 -1.68 25.72
C PRO A 185 7.60 -1.64 24.22
N HIS A 186 8.30 -0.75 23.52
CA HIS A 186 8.01 -0.48 22.13
C HIS A 186 8.54 -1.56 21.22
N LEU A 187 7.66 -2.02 20.33
CA LEU A 187 8.02 -3.01 19.33
C LEU A 187 8.75 -2.33 18.17
N PRO A 188 9.33 -3.13 17.25
CA PRO A 188 9.89 -2.56 16.03
C PRO A 188 8.82 -1.81 15.22
N PRO A 189 9.20 -0.70 14.55
CA PRO A 189 8.27 0.26 13.94
C PRO A 189 7.04 -0.31 13.19
N ALA A 190 7.26 -1.19 12.21
CA ALA A 190 6.15 -1.79 11.47
C ALA A 190 5.17 -2.56 12.38
N LEU A 191 5.70 -3.31 13.35
CA LEU A 191 4.86 -4.10 14.25
C LEU A 191 4.13 -3.23 15.28
N GLU A 192 4.81 -2.19 15.75
CA GLU A 192 4.19 -1.17 16.64
C GLU A 192 2.95 -0.53 15.98
N VAL A 193 3.11 -0.12 14.73
CA VAL A 193 2.05 0.52 13.98
C VAL A 193 0.91 -0.47 13.68
N ALA A 194 1.27 -1.68 13.21
CA ALA A 194 0.29 -2.69 12.80
C ALA A 194 -0.57 -3.21 13.95
N ARG A 195 0.00 -3.24 15.16
CA ARG A 195 -0.72 -3.76 16.34
C ARG A 195 -2.04 -3.03 16.63
N GLU A 196 -2.07 -1.73 16.34
CA GLU A 196 -3.26 -0.91 16.57
C GLU A 196 -4.40 -1.36 15.67
N GLU A 197 -4.09 -1.76 14.43
CA GLU A 197 -5.11 -2.26 13.51
C GLU A 197 -5.50 -3.68 13.87
N ILE A 198 -4.51 -4.51 14.23
CA ILE A 198 -4.78 -5.87 14.65
C ILE A 198 -5.70 -5.89 15.86
N ALA A 199 -5.43 -5.02 16.83
CA ALA A 199 -6.26 -4.91 18.03
C ALA A 199 -7.70 -4.55 17.66
N TRP A 200 -7.88 -3.60 16.74
CA TRP A 200 -9.21 -3.24 16.28
C TRP A 200 -9.90 -4.40 15.55
N LEU A 201 -9.21 -5.02 14.61
CA LEU A 201 -9.76 -6.18 13.88
C LEU A 201 -10.34 -7.27 14.81
N LEU A 202 -9.66 -7.53 15.92
CA LEU A 202 -10.09 -8.55 16.85
C LEU A 202 -11.51 -8.26 17.39
N THR A 203 -11.84 -6.99 17.59
CA THR A 203 -13.15 -6.57 18.09
C THR A 203 -14.27 -6.61 17.05
N MET A 204 -13.93 -6.90 15.79
CA MET A 204 -14.91 -6.98 14.71
C MET A 204 -15.41 -8.40 14.53
N GLN A 205 -14.87 -9.34 15.29
CA GLN A 205 -15.32 -10.72 15.23
C GLN A 205 -16.46 -10.98 16.21
N ASP A 206 -17.58 -11.46 15.67
CA ASP A 206 -18.73 -11.89 16.47
C ASP A 206 -18.37 -13.09 17.35
N PRO A 207 -18.39 -12.91 18.69
CA PRO A 207 -18.07 -14.00 19.61
C PRO A 207 -18.95 -15.25 19.46
N ALA A 208 -20.19 -15.06 19.06
CA ALA A 208 -21.15 -16.17 19.01
C ALA A 208 -20.96 -17.10 17.81
N THR A 209 -20.40 -16.59 16.71
CA THR A 209 -20.30 -17.36 15.46
C THR A 209 -18.88 -17.47 14.87
N GLY A 210 -17.98 -16.56 15.24
CA GLY A 210 -16.66 -16.49 14.63
C GLY A 210 -16.62 -15.62 13.37
N GLY A 211 -17.79 -15.14 12.94
CA GLY A 211 -17.90 -14.33 11.75
C GLY A 211 -17.42 -12.91 12.02
N VAL A 212 -16.96 -12.25 10.98
CA VAL A 212 -16.41 -10.91 11.15
C VAL A 212 -17.29 -9.91 10.39
N TYR A 213 -17.60 -8.80 11.05
CA TYR A 213 -18.37 -7.71 10.43
C TYR A 213 -17.55 -7.04 9.32
N HIS A 214 -18.22 -6.74 8.21
CA HIS A 214 -17.57 -6.21 7.00
C HIS A 214 -16.95 -4.84 7.20
N LYS A 215 -17.65 -3.98 7.95
CA LYS A 215 -17.20 -2.62 8.20
C LYS A 215 -17.98 -1.96 9.35
N VAL A 216 -17.42 -0.89 9.89
CA VAL A 216 -18.11 -0.03 10.85
C VAL A 216 -17.93 1.38 10.35
N THR A 217 -19.06 2.02 10.02
CA THR A 217 -19.07 3.34 9.43
C THR A 217 -20.31 4.07 9.88
N THR A 218 -20.35 5.37 9.62
CA THR A 218 -21.60 6.11 9.68
C THR A 218 -22.42 5.68 8.45
N PRO A 219 -23.74 5.93 8.47
CA PRO A 219 -24.55 5.51 7.33
C PRO A 219 -24.17 6.19 6.01
N SER A 220 -23.63 7.40 6.08
CA SER A 220 -23.12 8.09 4.88
C SER A 220 -21.85 8.88 5.17
N PHE A 221 -21.27 9.45 4.12
CA PHE A 221 -20.05 10.25 4.22
C PHE A 221 -20.37 11.64 4.77
N PRO A 222 -19.56 12.12 5.74
CA PRO A 222 -19.71 13.50 6.19
C PRO A 222 -19.11 14.48 5.18
N PRO A 223 -19.37 15.79 5.35
CA PRO A 223 -18.72 16.78 4.48
C PRO A 223 -17.19 16.64 4.42
N LEU A 224 -16.58 17.03 3.29
CA LEU A 224 -15.13 17.02 3.13
C LEU A 224 -14.42 17.83 4.23
N ASP A 225 -15.16 18.73 4.85
CA ASP A 225 -14.61 19.70 5.78
C ASP A 225 -14.59 19.20 7.23
N THR A 226 -15.21 18.05 7.48
CA THR A 226 -15.38 17.54 8.84
C THR A 226 -14.08 17.07 9.50
N ARG A 227 -13.79 17.60 10.68
CA ARG A 227 -12.72 17.08 11.53
C ARG A 227 -13.16 15.75 12.11
N PRO A 228 -12.20 14.85 12.39
CA PRO A 228 -12.56 13.50 12.87
C PRO A 228 -13.37 13.51 14.17
N GLU A 229 -12.96 14.34 15.12
CA GLU A 229 -13.63 14.41 16.43
C GLU A 229 -15.00 15.12 16.38
N ASP A 230 -15.24 15.92 15.34
CA ASP A 230 -16.55 16.54 15.12
C ASP A 230 -17.60 15.60 14.52
N ASP A 231 -17.15 14.52 13.89
CA ASP A 231 -18.05 13.56 13.22
C ASP A 231 -18.82 12.72 14.26
N ASP A 232 -20.09 13.08 14.49
CA ASP A 232 -20.88 12.54 15.61
C ASP A 232 -22.08 11.70 15.19
N ALA A 233 -22.22 11.42 13.89
CA ALA A 233 -23.28 10.53 13.41
C ALA A 233 -23.11 9.13 14.02
N PRO A 234 -24.22 8.41 14.22
CA PRO A 234 -24.11 7.07 14.81
C PRO A 234 -23.25 6.14 13.95
N LEU A 235 -22.50 5.27 14.62
CA LEU A 235 -21.71 4.25 13.94
C LEU A 235 -22.56 3.01 13.73
N VAL A 236 -22.45 2.42 12.55
CA VAL A 236 -23.23 1.23 12.20
C VAL A 236 -22.31 0.09 11.77
N LEU A 237 -22.44 -1.08 12.41
CA LEU A 237 -21.75 -2.29 11.99
C LEU A 237 -22.54 -2.96 10.87
N SER A 238 -22.00 -2.96 9.65
CA SER A 238 -22.62 -3.67 8.54
C SER A 238 -22.51 -5.17 8.78
N PRO A 239 -23.39 -5.97 8.15
CA PRO A 239 -23.41 -7.41 8.38
C PRO A 239 -22.09 -8.16 8.21
N ILE A 240 -22.03 -9.32 8.84
CA ILE A 240 -20.93 -10.25 8.70
C ILE A 240 -20.84 -10.64 7.23
N SER A 241 -19.61 -10.77 6.73
CA SER A 241 -19.42 -11.17 5.34
C SER A 241 -18.35 -12.25 5.24
N TYR A 242 -18.47 -13.07 4.20
CA TYR A 242 -17.49 -14.11 3.93
C TYR A 242 -16.10 -13.49 3.72
N ALA A 243 -16.03 -12.50 2.83
CA ALA A 243 -14.77 -11.83 2.50
C ALA A 243 -14.06 -11.24 3.72
N ALA A 244 -14.82 -10.59 4.60
CA ALA A 244 -14.27 -10.01 5.82
C ALA A 244 -13.76 -11.11 6.73
N THR A 245 -14.53 -12.17 6.87
CA THR A 245 -14.14 -13.28 7.74
C THR A 245 -12.89 -13.99 7.22
N ALA A 246 -12.80 -14.15 5.90
CA ALA A 246 -11.65 -14.85 5.30
C ALA A 246 -10.38 -14.01 5.39
N THR A 247 -10.48 -12.72 5.04
CA THR A 247 -9.32 -11.84 5.06
C THR A 247 -8.84 -11.59 6.48
N PHE A 248 -9.78 -11.52 7.43
CA PHE A 248 -9.48 -11.47 8.87
C PHE A 248 -8.70 -12.70 9.30
N CYS A 249 -9.19 -13.86 8.90
CA CYS A 249 -8.55 -15.13 9.21
C CYS A 249 -7.07 -15.13 8.75
N ALA A 250 -6.85 -14.79 7.49
CA ALA A 250 -5.52 -14.78 6.91
C ALA A 250 -4.59 -13.80 7.65
N ALA A 251 -5.08 -12.59 7.89
CA ALA A 251 -4.34 -11.53 8.57
C ALA A 251 -4.02 -11.89 10.02
N MET A 252 -4.98 -12.47 10.71
CA MET A 252 -4.78 -12.88 12.10
C MET A 252 -3.79 -14.04 12.17
N ALA A 253 -3.89 -14.98 11.24
CA ALA A 253 -2.95 -16.10 11.17
C ALA A 253 -1.51 -15.64 10.91
N HIS A 254 -1.35 -14.68 9.99
CA HIS A 254 -0.07 -14.01 9.74
C HIS A 254 0.46 -13.33 11.00
N ALA A 255 -0.40 -12.59 11.67
CA ALA A 255 -0.03 -11.85 12.88
C ALA A 255 0.39 -12.79 14.01
N ALA A 256 -0.34 -13.90 14.15
CA ALA A 256 -0.03 -14.89 15.17
C ALA A 256 1.42 -15.36 15.07
N LEU A 257 1.90 -15.60 13.86
CA LEU A 257 3.30 -15.99 13.66
C LEU A 257 4.28 -14.86 13.93
N VAL A 258 4.01 -13.68 13.39
CA VAL A 258 4.99 -12.59 13.42
C VAL A 258 5.21 -12.04 14.83
N TYR A 259 4.13 -11.99 15.61
CA TYR A 259 4.17 -11.39 16.95
C TYR A 259 4.57 -12.36 18.06
N ARG A 260 4.80 -13.63 17.70
CA ARG A 260 5.14 -14.68 18.68
C ARG A 260 6.25 -14.27 19.66
N PRO A 261 7.42 -13.83 19.15
CA PRO A 261 8.47 -13.38 20.06
C PRO A 261 8.35 -11.95 20.60
N PHE A 262 7.25 -11.24 20.29
CA PHE A 262 7.10 -9.82 20.65
C PHE A 262 5.91 -9.56 21.57
N ASP A 263 4.78 -10.19 21.26
CA ASP A 263 3.57 -10.06 22.06
C ASP A 263 2.85 -11.42 22.05
N PRO A 264 3.31 -12.36 22.90
CA PRO A 264 2.73 -13.70 22.97
C PRO A 264 1.23 -13.77 23.25
N ALA A 265 0.70 -12.83 24.03
CA ALA A 265 -0.74 -12.78 24.32
C ALA A 265 -1.55 -12.45 23.07
N LEU A 266 -1.11 -11.41 22.35
CA LEU A 266 -1.70 -11.03 21.06
C LEU A 266 -1.61 -12.17 20.04
N SER A 267 -0.44 -12.78 19.95
CA SER A 267 -0.20 -13.88 19.02
C SER A 267 -1.15 -15.05 19.27
N SER A 268 -1.24 -15.48 20.52
CA SER A 268 -2.14 -16.57 20.88
C SER A 268 -3.60 -16.17 20.63
N CYS A 269 -3.92 -14.93 20.94
CA CYS A 269 -5.26 -14.41 20.72
C CYS A 269 -5.64 -14.37 19.23
N CYS A 270 -4.71 -13.95 18.38
CA CYS A 270 -4.89 -13.95 16.92
C CYS A 270 -5.01 -15.35 16.31
N ALA A 271 -4.20 -16.27 16.82
CA ALA A 271 -4.22 -17.68 16.38
C ALA A 271 -5.60 -18.31 16.58
N ASP A 272 -6.15 -18.12 17.76
CA ASP A 272 -7.46 -18.69 18.08
C ASP A 272 -8.59 -17.98 17.32
N ALA A 273 -8.47 -16.66 17.14
CA ALA A 273 -9.43 -15.89 16.35
C ALA A 273 -9.45 -16.33 14.89
N ALA A 274 -8.28 -16.59 14.32
CA ALA A 274 -8.15 -17.11 12.96
C ALA A 274 -8.86 -18.45 12.79
N ARG A 275 -8.68 -19.32 13.79
CA ARG A 275 -9.31 -20.64 13.80
C ARG A 275 -10.83 -20.58 13.89
N ARG A 276 -11.35 -19.65 14.68
CA ARG A 276 -12.80 -19.47 14.79
C ARG A 276 -13.40 -18.87 13.51
N ALA A 277 -12.66 -17.96 12.88
CA ALA A 277 -13.03 -17.41 11.58
C ALA A 277 -13.09 -18.51 10.52
N TYR A 278 -12.09 -19.38 10.49
CA TYR A 278 -12.08 -20.47 9.51
C TYR A 278 -13.25 -21.45 9.71
N ALA A 279 -13.60 -21.73 10.96
CA ALA A 279 -14.82 -22.51 11.29
C ALA A 279 -16.09 -21.86 10.73
N TRP A 280 -16.15 -20.52 10.75
CA TRP A 280 -17.26 -19.80 10.15
C TRP A 280 -17.29 -20.00 8.64
N LEU A 281 -16.13 -19.90 8.00
CA LEU A 281 -16.04 -20.12 6.54
C LEU A 281 -16.56 -21.49 6.12
N GLY A 282 -16.24 -22.51 6.92
CA GLY A 282 -16.63 -23.89 6.63
C GLY A 282 -18.13 -24.13 6.71
N ALA A 283 -18.82 -23.35 7.54
CA ALA A 283 -20.25 -23.51 7.77
C ALA A 283 -21.12 -22.57 6.94
N HIS A 284 -20.52 -21.72 6.11
CA HIS A 284 -21.27 -20.69 5.39
C HIS A 284 -20.93 -20.62 3.90
N GLU A 285 -21.87 -20.09 3.12
CA GLU A 285 -21.75 -19.93 1.68
C GLU A 285 -20.91 -18.72 1.30
N MET A 286 -20.29 -18.79 0.12
CA MET A 286 -19.50 -17.68 -0.41
C MET A 286 -20.41 -16.59 -0.99
N GLN A 287 -21.02 -15.81 -0.10
CA GLN A 287 -21.96 -14.76 -0.50
C GLN A 287 -21.23 -13.41 -0.60
N PRO A 288 -21.27 -12.76 -1.78
CA PRO A 288 -20.71 -11.42 -1.93
C PRO A 288 -21.41 -10.41 -1.03
N PHE A 289 -20.65 -9.44 -0.55
CA PHE A 289 -21.20 -8.36 0.28
C PHE A 289 -21.79 -7.24 -0.61
N HIS A 290 -22.95 -6.74 -0.22
CA HIS A 290 -23.55 -5.55 -0.81
C HIS A 290 -23.99 -4.64 0.31
N ASN A 291 -23.90 -3.34 0.09
CA ASN A 291 -24.36 -2.38 1.07
C ASN A 291 -25.81 -2.65 1.46
N PRO A 292 -26.08 -2.74 2.77
CA PRO A 292 -27.47 -2.81 3.17
C PRO A 292 -28.14 -1.45 2.97
N ASP A 293 -29.46 -1.43 3.01
CA ASP A 293 -30.20 -0.20 2.74
C ASP A 293 -29.94 0.84 3.80
N GLY A 294 -29.85 2.09 3.38
CA GLY A 294 -29.49 3.18 4.28
C GLY A 294 -28.01 3.31 4.58
N ILE A 295 -27.18 2.42 4.02
CA ILE A 295 -25.72 2.52 4.14
C ILE A 295 -25.12 2.85 2.78
N LEU A 296 -24.46 4.00 2.69
CA LEU A 296 -23.96 4.52 1.42
C LEU A 296 -22.44 4.62 1.36
N THR A 297 -21.75 4.10 2.37
CA THR A 297 -20.30 4.19 2.43
C THR A 297 -19.64 3.08 1.58
N GLY A 298 -18.31 3.10 1.49
CA GLY A 298 -17.55 2.17 0.65
C GLY A 298 -17.99 0.73 0.81
N GLU A 299 -18.32 0.09 -0.30
CA GLU A 299 -18.85 -1.26 -0.24
C GLU A 299 -17.74 -2.30 -0.03
N TYR A 300 -16.59 -2.09 -0.68
CA TYR A 300 -15.51 -3.09 -0.73
C TYR A 300 -16.10 -4.49 -0.96
N GLY A 301 -16.95 -4.56 -1.98
CA GLY A 301 -17.59 -5.80 -2.38
C GLY A 301 -16.68 -6.54 -3.32
N ASP A 302 -17.04 -7.79 -3.61
CA ASP A 302 -16.19 -8.67 -4.40
C ASP A 302 -16.94 -9.97 -4.67
N ALA A 303 -17.17 -10.26 -5.95
CA ALA A 303 -17.94 -11.43 -6.34
C ALA A 303 -17.11 -12.72 -6.29
N GLU A 304 -15.79 -12.59 -6.41
CA GLU A 304 -14.92 -13.76 -6.44
C GLU A 304 -14.28 -13.96 -5.06
N LEU A 305 -14.65 -15.04 -4.39
CA LEU A 305 -14.19 -15.26 -3.02
C LEU A 305 -13.25 -16.46 -2.80
N ARG A 306 -12.92 -17.19 -3.86
CA ARG A 306 -12.04 -18.36 -3.71
C ARG A 306 -10.59 -17.98 -3.40
N ASP A 307 -10.17 -16.81 -3.86
CA ASP A 307 -8.83 -16.30 -3.54
C ASP A 307 -8.70 -15.96 -2.05
N GLU A 308 -9.79 -15.49 -1.44
CA GLU A 308 -9.81 -15.23 0.01
C GLU A 308 -9.70 -16.52 0.83
N LEU A 309 -10.44 -17.54 0.43
CA LEU A 309 -10.36 -18.86 1.05
C LEU A 309 -8.96 -19.43 0.89
N LEU A 310 -8.37 -19.23 -0.29
CA LEU A 310 -7.01 -19.65 -0.58
C LEU A 310 -6.04 -19.04 0.43
N TRP A 311 -6.16 -17.74 0.63
CA TRP A 311 -5.25 -17.01 1.51
C TRP A 311 -5.44 -17.45 2.95
N ALA A 312 -6.69 -17.56 3.39
CA ALA A 312 -7.00 -18.01 4.74
C ALA A 312 -6.42 -19.41 5.01
N SER A 313 -6.60 -20.31 4.04
CA SER A 313 -6.12 -21.68 4.15
C SER A 313 -4.59 -21.79 4.18
N CYS A 314 -3.92 -21.06 3.28
CA CYS A 314 -2.46 -21.06 3.20
C CYS A 314 -1.83 -20.39 4.43
N ALA A 315 -2.47 -19.31 4.90
CA ALA A 315 -2.04 -18.64 6.11
C ALA A 315 -2.08 -19.58 7.31
N LEU A 316 -3.17 -20.34 7.43
CA LEU A 316 -3.30 -21.32 8.51
C LEU A 316 -2.34 -22.48 8.33
N LEU A 317 -2.11 -22.90 7.09
CA LEU A 317 -1.06 -23.89 6.78
C LEU A 317 0.29 -23.50 7.38
N ARG A 318 0.74 -22.28 7.09
CA ARG A 318 2.03 -21.79 7.57
C ARG A 318 2.04 -21.54 9.08
N MET A 319 0.93 -21.02 9.61
CA MET A 319 0.84 -20.78 11.04
C MET A 319 1.01 -22.07 11.84
N THR A 320 0.36 -23.15 11.38
CA THR A 320 0.36 -24.42 12.10
C THR A 320 1.47 -25.37 11.68
N GLY A 321 1.89 -25.28 10.43
CA GLY A 321 2.86 -26.23 9.86
C GLY A 321 2.28 -27.62 9.66
N ASP A 322 0.95 -27.73 9.73
CA ASP A 322 0.27 -29.01 9.65
C ASP A 322 -0.05 -29.32 8.19
N SER A 323 0.53 -30.41 7.68
CA SER A 323 0.35 -30.84 6.29
C SER A 323 -1.12 -31.08 5.91
N ALA A 324 -1.95 -31.34 6.91
CA ALA A 324 -3.39 -31.48 6.72
C ALA A 324 -4.04 -30.31 5.96
N TRP A 325 -3.53 -29.09 6.16
CA TRP A 325 -4.07 -27.91 5.46
C TRP A 325 -3.78 -27.91 3.96
N ALA A 326 -2.74 -28.61 3.53
CA ALA A 326 -2.36 -28.67 2.12
C ALA A 326 -3.38 -29.42 1.25
N ARG A 327 -4.24 -30.24 1.86
CA ARG A 327 -5.35 -30.90 1.15
C ARG A 327 -6.29 -29.87 0.55
N VAL A 328 -6.54 -28.79 1.30
CA VAL A 328 -7.48 -27.74 0.88
C VAL A 328 -6.79 -26.62 0.08
N CYS A 329 -5.53 -26.35 0.39
CA CYS A 329 -4.76 -25.30 -0.31
C CYS A 329 -4.48 -25.63 -1.76
N GLU A 330 -3.88 -26.80 -1.98
CA GLU A 330 -3.32 -27.15 -3.28
C GLU A 330 -4.33 -27.16 -4.43
N PRO A 331 -5.53 -27.70 -4.23
CA PRO A 331 -6.59 -27.51 -5.23
C PRO A 331 -7.00 -26.04 -5.52
N LEU A 332 -6.91 -25.15 -4.53
CA LEU A 332 -7.19 -23.73 -4.77
C LEU A 332 -6.03 -23.06 -5.53
N LEU A 333 -4.81 -23.49 -5.25
CA LEU A 333 -3.62 -23.03 -5.97
C LEU A 333 -3.62 -23.41 -7.45
N ASP A 334 -4.37 -24.45 -7.79
CA ASP A 334 -4.54 -24.89 -9.17
C ASP A 334 -5.50 -24.04 -10.00
N LEU A 335 -6.42 -23.32 -9.33
CA LEU A 335 -7.40 -22.50 -10.06
C LEU A 335 -6.74 -21.40 -10.87
N ASP A 336 -7.41 -20.98 -11.94
CA ASP A 336 -6.96 -19.84 -12.74
C ASP A 336 -7.33 -18.49 -12.11
N LEU A 337 -7.28 -18.39 -10.79
CA LEU A 337 -7.49 -17.10 -10.13
C LEU A 337 -6.36 -16.17 -10.52
N PRO A 338 -6.63 -14.86 -10.58
CA PRO A 338 -5.51 -13.93 -10.72
C PRO A 338 -4.69 -13.92 -9.41
N TRP A 339 -3.37 -13.91 -9.53
CA TRP A 339 -2.51 -13.98 -8.37
C TRP A 339 -2.04 -12.57 -8.01
N GLU A 340 -2.86 -11.86 -7.24
CA GLU A 340 -2.65 -10.43 -6.98
C GLU A 340 -2.57 -10.14 -5.49
N LEU A 341 -2.28 -8.89 -5.14
CA LEU A 341 -2.06 -8.51 -3.74
C LEU A 341 -3.13 -7.51 -3.27
N GLY A 342 -4.37 -7.76 -3.68
CA GLY A 342 -5.51 -7.11 -3.09
C GLY A 342 -5.82 -5.72 -3.64
N TRP A 343 -6.82 -5.04 -3.11
CA TRP A 343 -7.56 -5.52 -1.93
C TRP A 343 -8.60 -6.61 -2.22
N ALA A 344 -9.03 -6.73 -3.48
CA ALA A 344 -10.11 -7.66 -3.86
C ALA A 344 -9.59 -9.01 -4.35
N ASP A 345 -8.47 -8.98 -5.06
CA ASP A 345 -7.83 -10.18 -5.62
C ASP A 345 -6.55 -10.45 -4.84
N VAL A 346 -6.62 -11.37 -3.89
CA VAL A 346 -5.60 -11.56 -2.87
C VAL A 346 -4.85 -12.91 -2.93
N ALA A 347 -4.96 -13.64 -4.05
CA ALA A 347 -4.38 -14.99 -4.11
C ALA A 347 -2.86 -15.03 -3.89
N LEU A 348 -2.13 -14.02 -4.33
CA LEU A 348 -0.68 -14.04 -4.19
C LEU A 348 -0.21 -14.02 -2.75
N TYR A 349 -0.99 -13.41 -1.84
CA TYR A 349 -0.70 -13.52 -0.41
C TYR A 349 -0.71 -14.99 0.04
N GLY A 350 -1.71 -15.73 -0.44
CA GLY A 350 -1.83 -17.14 -0.12
C GLY A 350 -0.70 -17.96 -0.73
N VAL A 351 -0.42 -17.72 -2.01
CA VAL A 351 0.73 -18.34 -2.68
C VAL A 351 2.01 -18.17 -1.84
N MET A 352 2.23 -16.96 -1.33
CA MET A 352 3.44 -16.65 -0.55
C MET A 352 3.49 -17.40 0.78
N ASP A 353 2.36 -17.52 1.46
CA ASP A 353 2.24 -18.32 2.67
C ASP A 353 2.51 -19.80 2.38
N TYR A 354 1.94 -20.31 1.31
CA TYR A 354 2.19 -21.68 0.87
C TYR A 354 3.70 -21.91 0.60
N LEU A 355 4.31 -21.04 -0.20
CA LEU A 355 5.72 -21.15 -0.57
C LEU A 355 6.67 -20.98 0.62
N ARG A 356 6.28 -20.21 1.63
CA ARG A 356 7.11 -20.02 2.83
C ARG A 356 6.81 -21.03 3.93
N THR A 357 5.98 -22.03 3.64
CA THR A 357 5.75 -23.13 4.57
C THR A 357 6.89 -24.16 4.40
N PRO A 358 7.33 -24.80 5.50
CA PRO A 358 8.29 -25.91 5.39
C PRO A 358 7.94 -26.89 4.28
N ARG A 359 8.93 -27.20 3.44
CA ARG A 359 8.74 -28.04 2.26
C ARG A 359 8.15 -29.41 2.57
N ALA A 360 8.43 -29.93 3.76
CA ALA A 360 7.89 -31.22 4.21
C ALA A 360 6.36 -31.23 4.31
N ALA A 361 5.76 -30.08 4.57
CA ALA A 361 4.30 -29.97 4.77
C ALA A 361 3.49 -29.96 3.48
N VAL A 362 4.15 -29.81 2.33
CA VAL A 362 3.45 -29.63 1.04
C VAL A 362 3.90 -30.65 -0.02
N SER A 363 3.11 -30.79 -1.07
CA SER A 363 3.46 -31.63 -2.22
C SER A 363 4.54 -30.94 -3.05
N ASP A 364 5.66 -31.63 -3.28
CA ASP A 364 6.79 -31.08 -4.03
C ASP A 364 6.43 -30.78 -5.48
N ASP A 365 5.57 -31.62 -6.04
CA ASP A 365 5.03 -31.46 -7.39
C ASP A 365 4.32 -30.12 -7.54
N VAL A 366 3.30 -29.92 -6.70
CA VAL A 366 2.51 -28.68 -6.68
C VAL A 366 3.37 -27.45 -6.45
N ARG A 367 4.29 -27.56 -5.50
CA ARG A 367 5.14 -26.45 -5.11
C ARG A 367 5.97 -25.92 -6.27
N ASN A 368 6.53 -26.83 -7.06
CA ASN A 368 7.32 -26.44 -8.23
C ASN A 368 6.46 -25.84 -9.33
N LYS A 369 5.23 -26.34 -9.46
CA LYS A 369 4.26 -25.73 -10.39
C LYS A 369 3.84 -24.33 -9.98
N VAL A 370 3.61 -24.12 -8.68
CA VAL A 370 3.34 -22.80 -8.14
C VAL A 370 4.52 -21.84 -8.41
N LYS A 371 5.73 -22.29 -8.15
CA LYS A 371 6.94 -21.48 -8.39
C LYS A 371 7.14 -21.16 -9.87
N SER A 372 6.85 -22.14 -10.73
CA SER A 372 6.89 -21.93 -12.18
C SER A 372 5.91 -20.87 -12.64
N ARG A 373 4.68 -20.94 -12.14
CA ARG A 373 3.67 -19.93 -12.51
C ARG A 373 4.09 -18.55 -12.02
N LEU A 374 4.55 -18.44 -10.78
CA LEU A 374 5.07 -17.18 -10.24
C LEU A 374 6.13 -16.59 -11.17
N LEU A 375 7.05 -17.43 -11.65
CA LEU A 375 8.11 -16.97 -12.55
C LEU A 375 7.53 -16.45 -13.89
N ARG A 376 6.59 -17.19 -14.48
CA ARG A 376 5.95 -16.76 -15.72
C ARG A 376 5.21 -15.42 -15.55
N GLU A 377 4.53 -15.26 -14.42
CA GLU A 377 3.86 -13.99 -14.08
C GLU A 377 4.84 -12.82 -14.04
N LEU A 378 5.97 -13.03 -13.34
CA LEU A 378 7.00 -12.01 -13.22
C LEU A 378 7.66 -11.68 -14.54
N ASP A 379 7.91 -12.71 -15.35
CA ASP A 379 8.39 -12.52 -16.72
C ASP A 379 7.45 -11.63 -17.52
N ALA A 380 6.15 -11.88 -17.41
CA ALA A 380 5.15 -11.07 -18.10
C ALA A 380 5.19 -9.60 -17.64
N LEU A 381 5.24 -9.39 -16.33
CA LEU A 381 5.39 -8.03 -15.77
C LEU A 381 6.68 -7.36 -16.24
N ALA A 382 7.77 -8.13 -16.26
CA ALA A 382 9.08 -7.65 -16.73
C ALA A 382 9.01 -7.18 -18.20
N ALA A 383 8.24 -7.90 -19.02
CA ALA A 383 7.99 -7.53 -20.42
C ALA A 383 7.24 -6.20 -20.53
N MET A 384 6.21 -6.01 -19.70
CA MET A 384 5.50 -4.72 -19.66
C MET A 384 6.48 -3.60 -19.37
N ALA A 385 7.40 -3.87 -18.44
CA ALA A 385 8.37 -2.87 -17.98
C ALA A 385 9.38 -2.50 -19.07
N GLU A 386 9.79 -3.48 -19.88
CA GLU A 386 10.70 -3.21 -21.01
C GLU A 386 10.07 -2.28 -22.03
N SER A 387 8.80 -2.47 -22.32
CA SER A 387 8.12 -1.68 -23.35
C SER A 387 7.65 -0.31 -22.85
N HIS A 388 7.69 -0.07 -21.54
CA HIS A 388 7.24 1.20 -20.97
C HIS A 388 8.38 2.22 -20.93
N PRO A 389 8.12 3.49 -21.33
CA PRO A 389 9.23 4.45 -21.34
C PRO A 389 9.87 4.73 -19.96
N PHE A 390 9.07 4.72 -18.90
CA PHE A 390 9.57 4.85 -17.52
C PHE A 390 9.93 3.53 -16.83
N GLY A 391 9.94 2.42 -17.58
CA GLY A 391 10.36 1.12 -17.07
C GLY A 391 9.52 0.53 -15.93
N ILE A 392 8.26 0.91 -15.87
CA ILE A 392 7.35 0.39 -14.85
C ILE A 392 6.45 -0.69 -15.46
N PRO A 393 6.11 -1.75 -14.68
CA PRO A 393 5.29 -2.84 -15.19
C PRO A 393 3.83 -2.42 -15.29
N MET A 394 3.52 -1.59 -16.27
CA MET A 394 2.19 -1.01 -16.45
C MET A 394 1.86 -0.85 -17.93
N ARG A 395 0.58 -0.98 -18.26
CA ARG A 395 0.06 -0.63 -19.58
C ARG A 395 -0.96 0.45 -19.36
N ASP A 396 -1.38 1.12 -20.43
CA ASP A 396 -2.40 2.17 -20.34
C ASP A 396 -3.68 1.72 -19.64
N ASP A 397 -4.09 0.47 -19.87
CA ASP A 397 -5.33 -0.05 -19.27
C ASP A 397 -5.22 -0.34 -17.76
N ASP A 398 -4.00 -0.37 -17.25
CA ASP A 398 -3.74 -0.56 -15.82
C ASP A 398 -3.92 0.72 -15.00
N PHE A 399 -4.08 1.86 -15.67
CA PHE A 399 -4.24 3.12 -14.96
C PHE A 399 -5.70 3.35 -14.63
N ILE A 400 -6.09 2.68 -13.55
CA ILE A 400 -7.45 2.66 -13.03
C ILE A 400 -7.47 3.34 -11.67
N TRP A 401 -8.61 3.32 -11.00
CA TRP A 401 -8.73 3.81 -9.63
C TRP A 401 -7.67 3.10 -8.77
N GLY A 402 -6.82 3.91 -8.14
CA GLY A 402 -5.73 3.38 -7.33
C GLY A 402 -4.59 2.78 -8.12
N SER A 403 -4.28 3.37 -9.28
CA SER A 403 -3.22 2.87 -10.15
C SER A 403 -1.84 2.84 -9.49
N ASN A 404 -1.58 3.78 -8.57
CA ASN A 404 -0.34 3.75 -7.82
C ASN A 404 -0.18 2.46 -7.01
N MET A 405 -1.29 1.93 -6.53
CA MET A 405 -1.30 0.64 -5.82
C MET A 405 -1.11 -0.53 -6.76
N VAL A 406 -1.75 -0.49 -7.94
CA VAL A 406 -1.55 -1.51 -8.97
C VAL A 406 -0.04 -1.64 -9.24
N LEU A 407 0.62 -0.50 -9.43
CA LEU A 407 2.05 -0.42 -9.67
C LEU A 407 2.88 -0.95 -8.51
N LEU A 408 2.59 -0.50 -7.29
CA LEU A 408 3.41 -0.85 -6.13
C LEU A 408 3.25 -2.32 -5.78
N ASN A 409 2.04 -2.86 -5.90
CA ASN A 409 1.81 -4.28 -5.69
C ASN A 409 2.63 -5.13 -6.65
N ARG A 410 2.77 -4.67 -7.89
CA ARG A 410 3.58 -5.38 -8.89
C ARG A 410 5.05 -5.37 -8.53
N ALA A 411 5.55 -4.23 -8.05
CA ALA A 411 6.93 -4.11 -7.56
C ALA A 411 7.11 -5.02 -6.37
N MET A 412 6.12 -5.03 -5.50
CA MET A 412 6.12 -5.83 -4.29
C MET A 412 6.24 -7.33 -4.64
N ALA A 413 5.50 -7.76 -5.66
CA ALA A 413 5.53 -9.15 -6.13
C ALA A 413 6.93 -9.64 -6.50
N PHE A 414 7.69 -8.83 -7.25
CA PHE A 414 9.09 -9.14 -7.60
C PHE A 414 9.99 -9.35 -6.37
N LEU A 415 9.82 -8.50 -5.37
CA LEU A 415 10.63 -8.51 -4.15
C LEU A 415 10.22 -9.64 -3.20
N LEU A 416 8.93 -9.93 -3.14
CA LEU A 416 8.43 -11.03 -2.32
C LEU A 416 8.99 -12.37 -2.79
N ALA A 417 8.99 -12.54 -4.11
CA ALA A 417 9.49 -13.74 -4.79
C ALA A 417 10.95 -14.10 -4.47
N GLU A 418 11.76 -13.08 -4.24
CA GLU A 418 13.17 -13.28 -3.89
C GLU A 418 13.34 -14.00 -2.57
N GLY A 419 12.33 -13.92 -1.70
CA GLY A 419 12.32 -14.66 -0.45
C GLY A 419 11.88 -16.11 -0.57
N VAL A 420 11.34 -16.50 -1.72
CA VAL A 420 10.88 -17.88 -1.92
C VAL A 420 11.59 -18.54 -3.11
N GLY A 421 12.81 -18.08 -3.38
CA GLY A 421 13.69 -18.71 -4.36
C GLY A 421 13.34 -18.45 -5.81
N VAL A 422 12.54 -17.40 -6.06
CA VAL A 422 12.26 -16.98 -7.43
C VAL A 422 12.92 -15.62 -7.60
N LEU A 423 14.13 -15.65 -8.15
CA LEU A 423 14.98 -14.48 -8.24
C LEU A 423 14.97 -13.95 -9.66
N HIS A 424 14.09 -12.99 -9.94
CA HIS A 424 14.01 -12.43 -11.28
C HIS A 424 14.98 -11.25 -11.44
N PRO A 425 15.78 -11.23 -12.54
CA PRO A 425 16.80 -10.19 -12.72
C PRO A 425 16.29 -8.74 -12.75
N ALA A 426 15.01 -8.55 -13.08
CA ALA A 426 14.42 -7.22 -13.15
C ALA A 426 13.90 -6.70 -11.80
N ALA A 427 13.94 -7.52 -10.75
CA ALA A 427 13.28 -7.19 -9.48
C ALA A 427 13.64 -5.81 -8.90
N HIS A 428 14.93 -5.52 -8.80
CA HIS A 428 15.37 -4.28 -8.15
C HIS A 428 15.28 -3.07 -9.10
N THR A 429 15.44 -3.30 -10.40
CA THR A 429 15.18 -2.25 -11.39
C THR A 429 13.73 -1.80 -11.32
N VAL A 430 12.81 -2.77 -11.33
CA VAL A 430 11.38 -2.47 -11.24
C VAL A 430 11.06 -1.68 -9.96
N ALA A 431 11.62 -2.09 -8.83
CA ALA A 431 11.41 -1.38 -7.55
C ALA A 431 11.89 0.07 -7.63
N GLN A 432 13.09 0.28 -8.17
CA GLN A 432 13.65 1.61 -8.32
C GLN A 432 12.79 2.47 -9.25
N ARG A 433 12.37 1.90 -10.38
CA ARG A 433 11.53 2.62 -11.33
C ARG A 433 10.17 2.99 -10.73
N ALA A 434 9.61 2.10 -9.91
CA ALA A 434 8.34 2.35 -9.25
C ALA A 434 8.45 3.56 -8.33
N ALA A 435 9.50 3.58 -7.49
CA ALA A 435 9.75 4.70 -6.60
C ALA A 435 10.02 5.99 -7.39
N ASP A 436 10.86 5.89 -8.43
CA ASP A 436 11.09 7.02 -9.35
C ASP A 436 9.79 7.59 -9.87
N TYR A 437 8.92 6.71 -10.38
CA TYR A 437 7.59 7.11 -10.87
C TYR A 437 6.72 7.76 -9.79
N LEU A 438 6.69 7.15 -8.60
CA LEU A 438 5.91 7.69 -7.48
C LEU A 438 6.37 9.08 -7.06
N PHE A 439 7.67 9.34 -7.18
CA PHE A 439 8.28 10.58 -6.71
C PHE A 439 8.57 11.61 -7.82
N GLY A 440 7.93 11.46 -8.98
CA GLY A 440 7.99 12.51 -10.00
C GLY A 440 8.41 12.11 -11.40
N ALA A 441 8.96 10.92 -11.55
CA ALA A 441 9.39 10.44 -12.87
C ALA A 441 8.18 9.88 -13.63
N ASN A 442 7.34 10.79 -14.09
CA ASN A 442 6.12 10.47 -14.83
C ASN A 442 5.80 11.66 -15.74
N PRO A 443 4.83 11.51 -16.67
CA PRO A 443 4.53 12.60 -17.62
C PRO A 443 4.02 13.91 -16.99
N LEU A 444 3.43 13.84 -15.80
CA LEU A 444 2.97 15.06 -15.13
C LEU A 444 4.03 15.70 -14.23
N GLY A 445 5.20 15.07 -14.11
CA GLY A 445 6.22 15.55 -13.18
C GLY A 445 5.71 15.59 -11.75
N GLN A 446 4.78 14.70 -11.43
CA GLN A 446 4.05 14.77 -10.17
C GLN A 446 4.61 13.79 -9.15
N CYS A 447 5.03 14.31 -8.00
CA CYS A 447 5.28 13.47 -6.84
C CYS A 447 3.94 13.11 -6.23
N TYR A 448 3.66 11.81 -6.15
CA TYR A 448 2.35 11.32 -5.71
C TYR A 448 2.25 11.06 -4.21
N VAL A 449 3.20 11.60 -3.45
CA VAL A 449 3.18 11.58 -1.99
C VAL A 449 3.07 13.03 -1.48
N THR A 450 2.20 13.26 -0.51
CA THR A 450 2.12 14.59 0.13
C THR A 450 3.40 14.89 0.94
N GLY A 451 3.92 16.11 0.81
CA GLY A 451 5.00 16.60 1.66
C GLY A 451 6.41 16.36 1.16
N PHE A 452 6.56 15.81 -0.05
CA PHE A 452 7.87 15.45 -0.58
C PHE A 452 7.99 15.87 -2.03
N GLY A 453 9.23 15.98 -2.50
CA GLY A 453 9.51 16.40 -3.87
C GLY A 453 9.26 17.88 -4.13
N GLN A 454 9.47 18.28 -5.38
CA GLN A 454 9.33 19.68 -5.78
C GLN A 454 7.93 19.99 -6.28
N ARG A 455 7.21 18.96 -6.72
CA ARG A 455 5.77 19.07 -7.03
C ARG A 455 5.02 18.02 -6.20
N PRO A 456 4.87 18.28 -4.88
CA PRO A 456 4.12 17.37 -4.01
C PRO A 456 2.62 17.40 -4.26
N VAL A 457 1.90 16.43 -3.70
CA VAL A 457 0.45 16.51 -3.65
C VAL A 457 0.10 17.57 -2.59
N ARG A 458 -0.75 18.52 -2.99
CA ARG A 458 -1.09 19.67 -2.14
C ARG A 458 -2.54 19.67 -1.67
N HIS A 459 -3.44 19.04 -2.44
CA HIS A 459 -4.87 19.11 -2.16
C HIS A 459 -5.52 17.74 -2.22
N PRO A 460 -5.09 16.80 -1.36
CA PRO A 460 -5.64 15.44 -1.39
C PRO A 460 -7.09 15.38 -0.95
N HIS A 461 -7.84 14.42 -1.47
CA HIS A 461 -9.19 14.15 -0.99
C HIS A 461 -9.10 13.41 0.36
N HIS A 462 -8.83 14.19 1.41
CA HIS A 462 -8.56 13.67 2.75
C HIS A 462 -9.11 14.65 3.80
N ARG A 463 -10.13 14.23 4.55
CA ARG A 463 -10.88 15.13 5.44
C ARG A 463 -10.06 15.89 6.50
N PRO A 464 -9.16 15.19 7.22
CA PRO A 464 -8.27 15.89 8.16
C PRO A 464 -7.39 16.97 7.50
N SER A 465 -6.97 16.74 6.26
CA SER A 465 -6.18 17.73 5.53
C SER A 465 -7.04 18.90 5.05
N VAL A 466 -8.21 18.57 4.52
CA VAL A 466 -9.16 19.56 4.04
C VAL A 466 -9.68 20.42 5.21
N ALA A 467 -9.95 19.77 6.35
CA ALA A 467 -10.45 20.45 7.55
C ALA A 467 -9.48 21.47 8.15
N ASP A 468 -8.17 21.23 8.06
CA ASP A 468 -7.16 22.15 8.62
C ASP A 468 -6.64 23.19 7.60
N ASP A 469 -5.79 22.75 6.66
CA ASP A 469 -5.22 23.62 5.65
C ASP A 469 -5.30 22.95 4.28
N VAL A 470 -6.14 23.51 3.40
CA VAL A 470 -6.41 22.90 2.10
C VAL A 470 -5.24 23.05 1.11
N ASP A 471 -4.18 23.77 1.52
CA ASP A 471 -2.94 23.90 0.75
C ASP A 471 -1.74 23.15 1.36
N HIS A 472 -1.83 22.77 2.64
CA HIS A 472 -0.75 22.05 3.34
C HIS A 472 -1.30 20.81 4.09
N PRO A 473 -1.32 19.65 3.41
CA PRO A 473 -1.94 18.44 3.95
C PRO A 473 -1.03 17.64 4.89
N VAL A 474 -1.61 16.63 5.54
CA VAL A 474 -0.82 15.65 6.28
C VAL A 474 0.25 15.10 5.33
N PRO A 475 1.52 15.06 5.76
CA PRO A 475 2.59 14.53 4.92
C PRO A 475 2.63 12.99 4.87
N GLY A 476 3.31 12.46 3.86
CA GLY A 476 3.53 11.02 3.73
C GLY A 476 2.37 10.18 3.21
N MET A 477 1.37 10.82 2.63
CA MET A 477 0.19 10.11 2.09
C MET A 477 0.36 9.86 0.59
N VAL A 478 0.29 8.59 0.19
CA VAL A 478 0.39 8.20 -1.23
C VAL A 478 -1.00 8.29 -1.87
N VAL A 479 -1.15 9.08 -2.92
CA VAL A 479 -2.46 9.23 -3.55
C VAL A 479 -2.76 8.09 -4.54
N GLY A 480 -4.05 7.90 -4.85
CA GLY A 480 -4.48 6.83 -5.76
C GLY A 480 -3.76 6.84 -7.09
N GLY A 481 -3.57 8.04 -7.65
CA GLY A 481 -2.90 8.21 -8.94
C GLY A 481 -3.86 8.23 -10.13
N PRO A 482 -3.32 8.43 -11.34
CA PRO A 482 -4.11 8.54 -12.57
C PRO A 482 -5.10 7.39 -12.80
N ASN A 483 -6.31 7.78 -13.17
CA ASN A 483 -7.41 6.87 -13.38
C ASN A 483 -8.11 7.27 -14.67
N ARG A 484 -7.81 6.53 -15.74
CA ARG A 484 -8.28 6.86 -17.09
C ARG A 484 -9.80 6.79 -17.27
N HIS A 485 -10.50 6.23 -16.29
CA HIS A 485 -11.94 6.09 -16.34
C HIS A 485 -12.71 7.32 -15.87
N LEU A 486 -11.99 8.34 -15.39
CA LEU A 486 -12.59 9.64 -15.06
C LEU A 486 -13.83 9.50 -14.17
N GLN A 487 -13.65 8.87 -13.00
CA GLN A 487 -14.77 8.46 -12.16
C GLN A 487 -15.16 9.47 -11.07
N ASP A 488 -14.91 10.75 -11.31
CA ASP A 488 -15.49 11.81 -10.50
C ASP A 488 -15.71 13.05 -11.37
N GLU A 489 -16.49 14.00 -10.86
CA GLU A 489 -16.88 15.17 -11.66
C GLU A 489 -15.69 16.02 -12.11
N ILE A 490 -14.69 16.18 -11.24
CA ILE A 490 -13.54 17.02 -11.55
C ILE A 490 -12.71 16.41 -12.67
N ALA A 491 -12.52 15.09 -12.61
CA ALA A 491 -11.78 14.37 -13.63
C ALA A 491 -12.48 14.42 -14.99
N ARG A 492 -13.79 14.13 -15.00
CA ARG A 492 -14.58 14.19 -16.24
C ARG A 492 -14.48 15.58 -16.88
N ALA A 493 -14.60 16.62 -16.05
CA ALA A 493 -14.51 18.00 -16.52
C ALA A 493 -13.14 18.32 -17.11
N GLN A 494 -12.08 17.97 -16.38
CA GLN A 494 -10.75 18.50 -16.67
C GLN A 494 -9.81 17.57 -17.44
N LEU A 495 -10.08 16.26 -17.45
CA LEU A 495 -9.09 15.27 -17.93
C LEU A 495 -9.53 14.43 -19.13
N ALA A 496 -10.71 14.69 -19.70
CA ALA A 496 -11.19 13.92 -20.85
C ALA A 496 -10.21 14.09 -22.01
N GLY A 497 -9.91 12.99 -22.70
CA GLY A 497 -9.00 13.01 -23.84
C GLY A 497 -7.51 12.93 -23.52
N ARG A 498 -7.13 12.96 -22.24
CA ARG A 498 -5.72 12.87 -21.86
C ARG A 498 -5.27 11.41 -21.85
N PRO A 499 -4.00 11.15 -22.21
CA PRO A 499 -3.51 9.78 -22.05
C PRO A 499 -3.59 9.29 -20.59
N ALA A 500 -3.57 7.96 -20.43
CA ALA A 500 -3.83 7.29 -19.16
C ALA A 500 -3.02 7.86 -18.00
N MET A 501 -1.71 7.98 -18.19
CA MET A 501 -0.81 8.43 -17.13
C MET A 501 -0.98 9.89 -16.75
N GLU A 502 -1.68 10.65 -17.58
CA GLU A 502 -1.97 12.06 -17.30
C GLU A 502 -3.37 12.26 -16.76
N ALA A 503 -4.11 11.16 -16.54
CA ALA A 503 -5.46 11.24 -16.01
C ALA A 503 -5.45 11.40 -14.48
N TYR A 504 -4.71 12.38 -14.00
CA TYR A 504 -4.64 12.74 -12.58
C TYR A 504 -4.82 14.25 -12.44
N ILE A 505 -5.51 14.68 -11.40
CA ILE A 505 -5.53 16.09 -11.01
C ILE A 505 -5.43 16.27 -9.49
N ASP A 506 -4.52 17.16 -9.06
CA ASP A 506 -4.38 17.51 -7.65
C ASP A 506 -5.48 18.48 -7.23
N HIS A 507 -6.68 17.93 -7.01
CA HIS A 507 -7.83 18.69 -6.58
C HIS A 507 -8.53 17.93 -5.46
N GLN A 508 -8.95 18.65 -4.43
CA GLN A 508 -9.54 18.03 -3.22
C GLN A 508 -10.81 17.23 -3.48
N ASP A 509 -11.47 17.52 -4.61
CA ASP A 509 -12.73 16.87 -4.95
C ASP A 509 -12.54 15.65 -5.86
N SER A 510 -11.35 15.51 -6.45
CA SER A 510 -11.04 14.33 -7.28
C SER A 510 -10.71 13.13 -6.39
N TYR A 511 -11.75 12.45 -5.91
CA TYR A 511 -11.59 11.28 -5.06
C TYR A 511 -11.17 10.05 -5.87
N SER A 512 -11.38 10.06 -7.18
CA SER A 512 -11.04 8.91 -8.02
C SER A 512 -9.61 8.96 -8.56
N THR A 513 -8.91 10.08 -8.35
CA THR A 513 -7.48 10.17 -8.66
C THR A 513 -6.62 10.69 -7.49
N ASN A 514 -7.24 11.35 -6.50
CA ASN A 514 -6.48 12.09 -5.51
C ASN A 514 -6.89 11.79 -4.06
N GLU A 515 -7.48 10.62 -3.83
CA GLU A 515 -7.76 10.17 -2.47
C GLU A 515 -6.52 9.44 -1.93
N VAL A 516 -6.55 9.12 -0.65
CA VAL A 516 -5.50 8.40 0.04
C VAL A 516 -6.11 7.15 0.68
N ALA A 517 -5.27 6.22 1.13
CA ALA A 517 -5.75 4.96 1.69
C ALA A 517 -4.62 4.24 2.45
N VAL A 518 -4.96 3.64 3.57
CA VAL A 518 -4.03 2.80 4.33
C VAL A 518 -3.45 1.65 3.47
N TYR A 519 -4.26 1.12 2.55
CA TYR A 519 -3.79 0.05 1.64
C TYR A 519 -3.13 0.57 0.35
N TRP A 520 -2.90 1.87 0.27
CA TRP A 520 -2.01 2.45 -0.74
C TRP A 520 -0.67 2.84 -0.14
N ASN A 521 -0.67 3.21 1.15
CA ASN A 521 0.58 3.43 1.85
C ASN A 521 1.32 2.13 2.14
N SER A 522 0.59 1.03 2.34
CA SER A 522 1.20 -0.18 2.85
C SER A 522 2.16 -0.87 1.84
N PRO A 523 1.76 -0.99 0.56
CA PRO A 523 2.75 -1.47 -0.42
C PRO A 523 3.90 -0.48 -0.64
N ALA A 524 3.65 0.81 -0.50
CA ALA A 524 4.72 1.81 -0.61
C ALA A 524 5.74 1.66 0.53
N VAL A 525 5.26 1.36 1.73
CA VAL A 525 6.17 1.12 2.85
C VAL A 525 7.08 -0.07 2.53
N PHE A 526 6.48 -1.14 2.01
CA PHE A 526 7.21 -2.36 1.66
C PHE A 526 8.29 -2.11 0.61
N VAL A 527 7.90 -1.49 -0.50
CA VAL A 527 8.80 -1.24 -1.62
C VAL A 527 9.93 -0.27 -1.27
N ILE A 528 9.59 0.82 -0.59
CA ILE A 528 10.60 1.80 -0.19
C ILE A 528 11.55 1.20 0.85
N ALA A 529 11.02 0.39 1.76
CA ALA A 529 11.87 -0.35 2.71
C ALA A 529 12.86 -1.27 1.97
N ALA A 530 12.39 -1.92 0.91
CA ALA A 530 13.22 -2.81 0.10
C ALA A 530 14.41 -2.05 -0.49
N LEU A 531 14.14 -0.88 -1.06
CA LEU A 531 15.17 -0.06 -1.67
C LEU A 531 16.16 0.47 -0.64
N LEU A 532 15.65 0.90 0.51
CA LEU A 532 16.50 1.32 1.64
C LEU A 532 17.44 0.22 2.12
N GLU A 533 16.98 -1.03 2.12
CA GLU A 533 17.84 -2.18 2.40
C GLU A 533 18.83 -2.32 1.21
N ALA A 534 19.79 -1.41 1.14
CA ALA A 534 20.65 -1.26 -0.04
C ALA A 534 21.92 -2.11 0.03
C1 GLC B . -13.36 5.39 0.62
C2 GLC B . -14.52 4.72 -0.08
C3 GLC B . -13.98 3.56 -0.94
C4 GLC B . -12.75 3.98 -1.78
C5 GLC B . -11.70 4.74 -0.95
C6 GLC B . -10.47 5.19 -1.75
O1 GLC B . -13.23 5.22 2.03
O2 GLC B . -15.45 4.32 0.91
O3 GLC B . -15.01 3.03 -1.75
O4 GLC B . -12.11 2.81 -2.23
O5 GLC B . -12.30 5.82 -0.24
O6 GLC B . -10.82 5.87 -2.94
C2 BGC B . -11.29 1.47 -4.01
C3 BGC B . -11.24 1.30 -5.52
C4 BGC B . -12.64 1.31 -6.12
C5 BGC B . -13.51 2.44 -5.56
C6 BGC B . -14.97 2.27 -5.99
C1 BGC B . -12.12 2.69 -3.65
O2 BGC B . -9.97 1.62 -3.51
O3 BGC B . -10.56 0.12 -5.85
O4 BGC B . -12.51 1.56 -7.50
O5 BGC B . -13.44 2.54 -4.16
O6 BGC B . -15.68 1.50 -5.06
C2 BGC B . -12.87 0.84 -9.77
C3 BGC B . -12.76 -0.29 -10.79
C4 BGC B . -11.57 -1.21 -10.52
C5 BGC B . -11.48 -1.54 -9.03
C6 BGC B . -10.30 -2.43 -8.65
C1 BGC B . -12.58 0.39 -8.34
O2 BGC B . -14.16 1.41 -9.84
O3 BGC B . -12.68 0.27 -12.08
O4 BGC B . -11.71 -2.43 -11.23
O5 BGC B . -11.38 -0.34 -8.31
O6 BGC B . -10.68 -3.23 -7.54
C2 BGC B . -10.97 -3.79 -13.06
C3 BGC B . -10.46 -3.79 -14.50
C4 BGC B . -11.35 -2.95 -15.41
C5 BGC B . -11.69 -1.58 -14.81
C6 BGC B . -12.79 -0.92 -15.63
C1 BGC B . -11.22 -2.36 -12.58
O2 BGC B . -10.07 -4.45 -12.19
O3 BGC B . -10.46 -5.12 -14.98
O4 BGC B . -10.72 -2.75 -16.66
O5 BGC B . -12.11 -1.72 -13.46
O6 BGC B . -13.61 -0.05 -14.87
C2 BGC C . -16.25 10.25 -0.81
C3 BGC C . -14.97 9.42 -0.95
C4 BGC C . -15.26 8.09 -1.63
C5 BGC C . -16.21 8.18 -2.83
C6 BGC C . -16.73 6.78 -3.16
C1 BGC C . -16.99 10.33 -2.15
O1 BGC C . -18.17 11.08 -1.99
O2 BGC C . -15.93 11.56 -0.37
O3 BGC C . -14.40 9.21 0.33
O4 BGC C . -14.06 7.51 -2.07
O5 BGC C . -17.32 9.02 -2.58
O6 BGC C . -17.40 6.78 -4.39
CA CA D . -11.52 -12.00 -4.15
ZN ZN E . -12.12 8.09 14.30
C1 MPD F . 7.79 14.58 23.36
C2 MPD F . 7.98 13.79 22.09
O2 MPD F . 8.98 12.74 22.33
CM MPD F . 6.67 13.11 21.71
C3 MPD F . 8.44 14.66 20.91
C4 MPD F . 9.45 15.76 21.27
O4 MPD F . 10.69 15.22 21.67
C5 MPD F . 9.68 16.68 20.07
C1 MPD G . 1.26 -8.35 -10.74
C2 MPD G . 0.76 -9.14 -9.54
O2 MPD G . 0.60 -8.25 -8.41
CM MPD G . -0.57 -9.76 -9.90
C3 MPD G . 1.79 -10.20 -9.16
C4 MPD G . 1.85 -11.46 -10.04
O4 MPD G . 1.05 -11.37 -11.22
C5 MPD G . 3.30 -11.72 -10.42
#